data_2PAW
#
_entry.id   2PAW
#
_cell.length_a   58.900
_cell.length_b   64.300
_cell.length_c   95.700
_cell.angle_alpha   90.00
_cell.angle_beta   90.00
_cell.angle_gamma   90.00
#
_symmetry.space_group_name_H-M   'P 21 21 21'
#
loop_
_entity.id
_entity.type
_entity.pdbx_description
1 polymer 'POLY(ADP-RIBOSE) POLYMERASE'
2 water water
#
_entity_poly.entity_id   1
_entity_poly.type   'polypeptide(L)'
_entity_poly.pdbx_seq_one_letter_code
;ALTVSAGTKSKLAKPIQDLIKMIFDVESMKKAMVEFEIDLQKMPLGKLSKRQIQSAYSILNEVQQAVSDGGSESQILDLS
NRFYTLIPHDFGMKKPPLLSNLEYIQAKVQMLDNLLDIEVAYSLLRGGNEDGDKDPIDINYEKLRTDIKVVDKDSEEAKI
IKQYVKNTHAATHNAYDLKVVEIFRIEREGESQRYKPFKQLHNRQLLWHGSRTTNFAGILSQGLRIAPPEAPVTGYMFGK
GIYFADMVSKSANYCHTSQADPIGLILLGEVALGNMYELKNASHITKLPKGKHSVKGLGKTAPDPTATTTLDGVEVPLGN
GISTGINDTCLLYNEYIVYDVAQVNLKYLLKLKFNYKTSLW
;
_entity_poly.pdbx_strand_id   A
#
# COMPACT_ATOMS: atom_id res chain seq x y z
N LYS A 9 -29.33 15.40 -0.61
CA LYS A 9 -28.67 14.09 -0.38
C LYS A 9 -27.64 13.69 -1.44
N SER A 10 -27.07 12.50 -1.25
CA SER A 10 -26.07 11.92 -2.13
C SER A 10 -26.67 11.21 -3.34
N LYS A 11 -26.08 11.47 -4.50
CA LYS A 11 -26.54 10.87 -5.74
C LYS A 11 -25.84 9.52 -6.01
N LEU A 12 -24.84 9.20 -5.19
CA LEU A 12 -24.05 7.96 -5.32
C LEU A 12 -24.75 6.75 -4.74
N ALA A 13 -24.43 5.56 -5.23
CA ALA A 13 -25.04 4.34 -4.73
C ALA A 13 -24.61 4.20 -3.26
N LYS A 14 -25.37 3.44 -2.48
CA LYS A 14 -25.08 3.25 -1.06
C LYS A 14 -23.67 2.73 -0.80
N PRO A 15 -23.27 1.64 -1.51
CA PRO A 15 -21.93 1.07 -1.32
C PRO A 15 -20.77 2.08 -1.46
N ILE A 16 -20.90 3.04 -2.39
CA ILE A 16 -19.88 4.06 -2.62
C ILE A 16 -19.87 5.12 -1.51
N GLN A 17 -21.05 5.41 -0.96
CA GLN A 17 -21.20 6.35 0.15
C GLN A 17 -20.47 5.79 1.37
N ASP A 18 -20.78 4.55 1.73
CA ASP A 18 -20.13 3.88 2.86
C ASP A 18 -18.62 3.81 2.64
N LEU A 19 -18.21 3.72 1.38
CA LEU A 19 -16.80 3.66 1.04
C LEU A 19 -16.16 5.01 1.35
N ILE A 20 -16.83 6.09 0.93
CA ILE A 20 -16.32 7.43 1.19
C ILE A 20 -16.26 7.75 2.69
N LYS A 21 -17.31 7.38 3.42
CA LYS A 21 -17.35 7.62 4.85
C LYS A 21 -16.20 6.90 5.52
N MET A 22 -15.90 5.71 5.02
CA MET A 22 -14.83 4.88 5.57
C MET A 22 -13.40 5.39 5.38
N ILE A 23 -13.09 5.84 4.17
CA ILE A 23 -11.74 6.30 3.90
C ILE A 23 -11.44 7.68 4.45
N PHE A 24 -12.49 8.44 4.74
CA PHE A 24 -12.33 9.76 5.30
C PHE A 24 -12.64 9.82 6.81
N ASP A 25 -12.72 8.66 7.45
CA ASP A 25 -13.00 8.57 8.87
C ASP A 25 -11.83 9.12 9.73
N VAL A 26 -12.09 10.20 10.48
CA VAL A 26 -11.07 10.83 11.33
C VAL A 26 -10.56 9.96 12.47
N GLU A 27 -11.45 9.20 13.08
CA GLU A 27 -11.08 8.33 14.19
C GLU A 27 -10.11 7.25 13.77
N SER A 28 -10.27 6.80 12.51
CA SER A 28 -9.40 5.78 11.95
C SER A 28 -8.03 6.36 11.75
N MET A 29 -7.98 7.63 11.31
CA MET A 29 -6.70 8.30 11.12
C MET A 29 -5.94 8.44 12.43
N LYS A 30 -6.66 8.71 13.52
CA LYS A 30 -6.04 8.86 14.85
C LYS A 30 -5.60 7.51 15.40
N LYS A 31 -6.45 6.51 15.22
CA LYS A 31 -6.15 5.15 15.66
C LYS A 31 -4.80 4.73 15.03
N ALA A 32 -4.63 5.02 13.74
CA ALA A 32 -3.40 4.66 12.99
C ALA A 32 -2.18 5.29 13.62
N MET A 33 -2.30 6.59 13.90
CA MET A 33 -1.22 7.34 14.52
C MET A 33 -0.92 6.86 15.94
N VAL A 34 -1.95 6.42 16.64
CA VAL A 34 -1.75 5.92 17.99
C VAL A 34 -0.96 4.60 17.92
N GLU A 35 -1.30 3.78 16.93
CA GLU A 35 -0.60 2.49 16.74
C GLU A 35 0.88 2.64 16.37
N PHE A 36 1.22 3.75 15.71
CA PHE A 36 2.61 4.05 15.33
C PHE A 36 3.33 4.70 16.52
N GLU A 37 2.61 4.77 17.64
CA GLU A 37 3.10 5.35 18.89
C GLU A 37 3.35 6.85 18.89
N ILE A 38 2.62 7.56 18.05
CA ILE A 38 2.75 9.01 17.98
C ILE A 38 1.94 9.62 19.14
N ASP A 39 2.42 10.74 19.67
CA ASP A 39 1.74 11.43 20.76
C ASP A 39 0.75 12.41 20.16
N LEU A 40 -0.52 12.04 20.19
CA LEU A 40 -1.58 12.85 19.63
C LEU A 40 -1.82 14.16 20.36
N GLN A 41 -1.29 14.27 21.58
CA GLN A 41 -1.46 15.48 22.35
C GLN A 41 -0.53 16.56 21.85
N LYS A 42 0.71 16.19 21.60
CA LYS A 42 1.72 17.12 21.08
C LYS A 42 1.69 17.14 19.55
N MET A 43 1.24 16.05 18.93
CA MET A 43 1.18 15.94 17.47
C MET A 43 -0.19 15.55 16.93
N PRO A 44 -1.12 16.50 16.92
CA PRO A 44 -2.47 16.21 16.42
C PRO A 44 -2.50 16.09 14.89
N LEU A 45 -3.59 15.54 14.36
CA LEU A 45 -3.75 15.39 12.92
C LEU A 45 -3.52 16.66 12.12
N GLY A 46 -3.88 17.80 12.72
CA GLY A 46 -3.70 19.06 12.04
C GLY A 46 -2.29 19.63 11.98
N LYS A 47 -1.39 19.09 12.79
CA LYS A 47 -0.01 19.57 12.81
C LYS A 47 0.84 18.94 11.70
N LEU A 48 0.44 17.76 11.25
CA LEU A 48 1.14 17.01 10.20
C LEU A 48 1.35 17.81 8.92
N SER A 49 2.60 17.87 8.44
CA SER A 49 2.90 18.55 7.17
C SER A 49 3.92 17.72 6.35
N LYS A 50 3.83 17.82 5.01
CA LYS A 50 4.72 17.12 4.06
C LYS A 50 6.20 17.38 4.35
N ARG A 51 6.53 18.65 4.56
CA ARG A 51 7.89 19.09 4.85
C ARG A 51 8.41 18.42 6.11
N GLN A 52 7.56 18.31 7.11
CA GLN A 52 7.90 17.67 8.38
C GLN A 52 8.27 16.21 8.10
N ILE A 53 7.42 15.55 7.32
CA ILE A 53 7.63 14.14 6.97
C ILE A 53 8.92 13.94 6.16
N GLN A 54 9.20 14.84 5.23
CA GLN A 54 10.42 14.72 4.44
C GLN A 54 11.67 14.89 5.30
N SER A 55 11.62 15.83 6.24
CA SER A 55 12.73 16.05 7.16
C SER A 55 12.93 14.80 8.00
N ALA A 56 11.81 14.20 8.41
CA ALA A 56 11.86 12.98 9.22
C ALA A 56 12.55 11.87 8.43
N TYR A 57 12.22 11.76 7.13
CA TYR A 57 12.82 10.76 6.25
C TYR A 57 14.33 10.93 6.20
N SER A 58 14.79 12.16 5.98
CA SER A 58 16.22 12.47 5.93
C SER A 58 16.96 12.10 7.20
N ILE A 59 16.35 12.34 8.36
CA ILE A 59 16.93 12.00 9.66
C ILE A 59 17.07 10.48 9.74
N LEU A 60 16.03 9.75 9.31
CA LEU A 60 16.10 8.31 9.32
C LEU A 60 17.18 7.81 8.35
N ASN A 61 17.41 8.57 7.29
CA ASN A 61 18.40 8.20 6.29
C ASN A 61 19.79 8.31 6.89
N GLU A 62 20.07 9.46 7.54
CA GLU A 62 21.35 9.66 8.17
C GLU A 62 21.60 8.67 9.31
N VAL A 63 20.58 8.36 10.10
CA VAL A 63 20.81 7.45 11.23
C VAL A 63 21.06 6.01 10.75
N GLN A 64 20.34 5.62 9.70
CA GLN A 64 20.49 4.30 9.09
C GLN A 64 21.95 4.13 8.68
N GLN A 65 22.53 5.17 8.07
CA GLN A 65 23.92 5.14 7.64
C GLN A 65 24.94 5.11 8.77
N ALA A 66 24.65 5.84 9.85
CA ALA A 66 25.52 5.88 11.02
C ALA A 66 25.60 4.50 11.67
N VAL A 67 24.46 3.83 11.75
CA VAL A 67 24.40 2.50 12.35
C VAL A 67 25.21 1.53 11.49
N SER A 68 25.07 1.63 10.16
CA SER A 68 25.79 0.75 9.25
C SER A 68 27.32 0.97 9.16
N ASP A 69 27.75 2.22 9.09
CA ASP A 69 29.18 2.53 8.98
C ASP A 69 29.88 2.66 10.35
N GLY A 70 29.14 2.37 11.42
CA GLY A 70 29.70 2.47 12.76
C GLY A 70 29.98 3.90 13.18
N GLY A 71 28.98 4.77 13.08
CA GLY A 71 29.15 6.16 13.48
C GLY A 71 29.13 6.29 15.00
N SER A 72 29.65 7.41 15.53
CA SER A 72 29.67 7.67 16.97
C SER A 72 28.32 7.39 17.62
N GLU A 73 28.34 6.84 18.82
CA GLU A 73 27.10 6.59 19.51
C GLU A 73 26.41 7.94 19.74
N SER A 74 27.24 8.99 19.86
CA SER A 74 26.77 10.33 20.12
C SER A 74 25.97 10.89 18.96
N GLN A 75 26.35 10.48 17.76
CA GLN A 75 25.66 10.92 16.56
C GLN A 75 24.26 10.26 16.51
N ILE A 76 24.21 8.98 16.83
CA ILE A 76 22.98 8.21 16.81
C ILE A 76 22.01 8.74 17.87
N LEU A 77 22.54 9.14 19.02
CA LEU A 77 21.72 9.68 20.10
C LEU A 77 21.20 11.04 19.63
N ASP A 78 22.06 11.82 19.01
CA ASP A 78 21.68 13.13 18.52
C ASP A 78 20.55 13.03 17.49
N LEU A 79 20.71 12.13 16.52
CA LEU A 79 19.70 11.95 15.48
C LEU A 79 18.40 11.43 16.03
N SER A 80 18.48 10.62 17.08
CA SER A 80 17.28 10.09 17.71
C SER A 80 16.51 11.21 18.40
N ASN A 81 17.23 12.13 19.03
CA ASN A 81 16.60 13.25 19.74
C ASN A 81 15.89 14.15 18.74
N ARG A 82 16.55 14.41 17.61
CA ARG A 82 15.97 15.25 16.57
C ARG A 82 14.75 14.58 15.92
N PHE A 83 14.76 13.25 15.82
CA PHE A 83 13.64 12.54 15.24
C PHE A 83 12.44 12.62 16.18
N TYR A 84 12.66 12.31 17.46
CA TYR A 84 11.59 12.34 18.43
C TYR A 84 11.09 13.75 18.75
N THR A 85 11.88 14.76 18.44
CA THR A 85 11.44 16.12 18.67
C THR A 85 10.54 16.56 17.49
N LEU A 86 10.88 16.11 16.30
CA LEU A 86 10.13 16.44 15.09
C LEU A 86 8.81 15.66 15.09
N ILE A 87 8.85 14.40 15.51
CA ILE A 87 7.66 13.56 15.56
C ILE A 87 7.48 13.05 17.00
N PRO A 88 6.74 13.80 17.84
CA PRO A 88 6.51 13.42 19.24
C PRO A 88 5.92 12.04 19.38
N HIS A 89 6.56 11.23 20.20
CA HIS A 89 6.12 9.88 20.45
C HIS A 89 5.67 9.74 21.91
N ASP A 90 4.77 8.81 22.15
CA ASP A 90 4.30 8.54 23.48
C ASP A 90 4.58 7.07 23.77
N PHE A 91 5.61 6.85 24.59
CA PHE A 91 6.03 5.52 25.00
C PHE A 91 5.47 5.12 26.36
N GLY A 92 4.57 5.94 26.90
CA GLY A 92 3.97 5.65 28.20
C GLY A 92 4.99 5.70 29.33
N MET A 93 4.99 4.66 30.15
CA MET A 93 5.90 4.58 31.28
C MET A 93 7.28 4.05 30.94
N LYS A 94 7.53 3.82 29.65
CA LYS A 94 8.83 3.33 29.27
C LYS A 94 9.73 4.37 28.60
N LYS A 95 11.03 4.09 28.65
CA LYS A 95 12.04 4.95 28.06
C LYS A 95 11.96 4.83 26.54
N PRO A 96 12.21 5.93 25.82
CA PRO A 96 12.18 5.96 24.36
C PRO A 96 13.36 5.18 23.76
N PRO A 97 13.08 4.20 22.88
CA PRO A 97 14.18 3.45 22.29
C PRO A 97 14.97 4.29 21.28
N LEU A 98 16.29 4.12 21.28
CA LEU A 98 17.15 4.84 20.35
C LEU A 98 17.02 4.25 18.96
N LEU A 99 17.25 5.08 17.94
CA LEU A 99 17.21 4.65 16.56
C LEU A 99 18.57 4.04 16.30
N SER A 100 18.89 2.98 17.02
CA SER A 100 20.20 2.34 16.91
C SER A 100 20.10 0.91 16.42
N ASN A 101 18.89 0.52 16.06
CA ASN A 101 18.59 -0.82 15.58
C ASN A 101 17.93 -0.73 14.19
N LEU A 102 18.53 -1.39 13.20
CA LEU A 102 18.02 -1.37 11.82
C LEU A 102 16.53 -1.70 11.60
N GLU A 103 15.99 -2.63 12.37
CA GLU A 103 14.59 -3.02 12.27
C GLU A 103 13.67 -1.90 12.70
N TYR A 104 14.00 -1.29 13.84
CA TYR A 104 13.22 -0.18 14.40
C TYR A 104 13.23 1.01 13.45
N ILE A 105 14.35 1.21 12.75
CA ILE A 105 14.45 2.29 11.78
C ILE A 105 13.50 2.05 10.61
N GLN A 106 13.45 0.80 10.12
CA GLN A 106 12.58 0.40 9.00
C GLN A 106 11.12 0.57 9.39
N ALA A 107 10.80 0.20 10.63
CA ALA A 107 9.45 0.35 11.17
C ALA A 107 9.09 1.83 11.15
N LYS A 108 10.07 2.69 11.45
CA LYS A 108 9.83 4.13 11.45
C LYS A 108 9.68 4.67 10.04
N VAL A 109 10.39 4.08 9.09
CA VAL A 109 10.31 4.48 7.68
C VAL A 109 8.92 4.15 7.15
N GLN A 110 8.39 2.99 7.56
CA GLN A 110 7.06 2.54 7.18
C GLN A 110 5.99 3.48 7.76
N MET A 111 6.19 3.87 9.02
CA MET A 111 5.29 4.81 9.70
C MET A 111 5.18 6.09 8.87
N LEU A 112 6.31 6.62 8.43
CA LEU A 112 6.30 7.84 7.61
C LEU A 112 5.57 7.63 6.25
N ASP A 113 5.72 6.43 5.66
CA ASP A 113 5.03 6.12 4.39
C ASP A 113 3.53 6.29 4.64
N ASN A 114 3.05 5.75 5.77
CA ASN A 114 1.64 5.88 6.14
C ASN A 114 1.23 7.30 6.49
N LEU A 115 2.06 8.02 7.23
CA LEU A 115 1.75 9.41 7.58
C LEU A 115 1.59 10.28 6.33
N LEU A 116 2.30 9.93 5.26
CA LEU A 116 2.23 10.68 4.00
C LEU A 116 0.82 10.65 3.43
N ASP A 117 0.19 9.49 3.51
CA ASP A 117 -1.16 9.35 3.00
C ASP A 117 -2.22 9.91 3.94
N ILE A 118 -1.96 9.85 5.25
CA ILE A 118 -2.88 10.37 6.26
C ILE A 118 -2.92 11.89 6.10
N GLU A 119 -1.76 12.50 5.90
CA GLU A 119 -1.66 13.93 5.69
C GLU A 119 -2.52 14.37 4.48
N VAL A 120 -2.47 13.61 3.39
CA VAL A 120 -3.28 13.93 2.19
C VAL A 120 -4.78 13.84 2.51
N ALA A 121 -5.18 12.78 3.20
CA ALA A 121 -6.58 12.56 3.57
C ALA A 121 -7.15 13.71 4.40
N TYR A 122 -6.41 14.09 5.44
CA TYR A 122 -6.84 15.17 6.31
C TYR A 122 -6.93 16.48 5.56
N SER A 123 -5.92 16.78 4.76
CA SER A 123 -5.92 18.01 4.00
C SER A 123 -7.09 18.10 3.05
N LEU A 124 -7.50 16.95 2.52
CA LEU A 124 -8.63 16.93 1.60
C LEU A 124 -9.90 17.16 2.38
N LEU A 125 -9.97 16.52 3.54
CA LEU A 125 -11.13 16.57 4.45
C LEU A 125 -11.42 17.97 5.00
N ARG A 126 -10.38 18.77 5.18
CA ARG A 126 -10.53 20.12 5.72
C ARG A 126 -10.60 21.15 4.59
N GLY A 127 -10.39 20.69 3.36
CA GLY A 127 -10.44 21.55 2.20
C GLY A 127 -11.86 21.95 1.81
N GLY A 128 -12.01 22.41 0.56
CA GLY A 128 -13.30 22.87 0.05
C GLY A 128 -14.60 22.08 0.22
N ASN A 129 -15.24 22.24 1.39
CA ASN A 129 -16.52 21.58 1.72
C ASN A 129 -17.66 22.61 1.90
N GLU A 130 -17.40 23.85 1.49
CA GLU A 130 -18.37 24.96 1.63
C GLU A 130 -19.68 24.88 0.85
N ASP A 131 -19.67 24.24 -0.32
CA ASP A 131 -20.87 24.12 -1.14
C ASP A 131 -22.09 23.56 -0.40
N GLY A 132 -23.26 24.12 -0.71
CA GLY A 132 -24.50 23.69 -0.07
C GLY A 132 -25.44 22.89 -0.96
N ASP A 133 -25.26 23.01 -2.28
CA ASP A 133 -26.08 22.27 -3.25
C ASP A 133 -25.70 20.78 -3.26
N LYS A 134 -24.54 20.47 -2.69
CA LYS A 134 -24.04 19.10 -2.63
C LYS A 134 -24.02 18.53 -1.21
N ASP A 135 -24.21 17.22 -1.13
CA ASP A 135 -24.16 16.50 0.14
C ASP A 135 -22.67 16.35 0.43
N PRO A 136 -22.29 16.33 1.72
CA PRO A 136 -20.88 16.20 2.12
C PRO A 136 -20.18 14.97 1.50
N ILE A 137 -20.89 13.83 1.46
CA ILE A 137 -20.39 12.60 0.85
C ILE A 137 -19.95 12.85 -0.60
N ASP A 138 -20.82 13.54 -1.34
CA ASP A 138 -20.59 13.86 -2.74
C ASP A 138 -19.44 14.80 -2.95
N ILE A 139 -19.27 15.77 -2.04
CA ILE A 139 -18.17 16.70 -2.17
C ILE A 139 -16.82 15.98 -1.98
N ASN A 140 -16.75 15.10 -0.98
CA ASN A 140 -15.52 14.37 -0.71
C ASN A 140 -15.17 13.37 -1.83
N TYR A 141 -16.20 12.77 -2.42
CA TYR A 141 -16.05 11.84 -3.55
C TYR A 141 -15.31 12.61 -4.64
N GLU A 142 -15.88 13.73 -5.04
CA GLU A 142 -15.28 14.57 -6.07
C GLU A 142 -13.84 14.96 -5.77
N LYS A 143 -13.51 15.09 -4.49
CA LYS A 143 -12.16 15.44 -4.11
C LYS A 143 -11.19 14.35 -4.52
N LEU A 144 -11.68 13.11 -4.61
CA LEU A 144 -10.85 11.98 -5.00
C LEU A 144 -10.48 11.96 -6.49
N ARG A 145 -11.22 12.68 -7.32
CA ARG A 145 -10.95 12.72 -8.76
C ARG A 145 -10.78 11.29 -9.29
N THR A 146 -11.68 10.42 -8.88
CA THR A 146 -11.64 9.04 -9.27
C THR A 146 -13.06 8.63 -9.52
N ASP A 147 -13.33 8.09 -10.70
CA ASP A 147 -14.68 7.59 -11.01
C ASP A 147 -14.81 6.21 -10.33
N ILE A 148 -15.82 6.04 -9.48
CA ILE A 148 -15.99 4.79 -8.77
C ILE A 148 -17.35 4.19 -9.11
N LYS A 149 -17.33 2.92 -9.49
CA LYS A 149 -18.53 2.19 -9.86
C LYS A 149 -18.59 0.87 -9.14
N VAL A 150 -19.79 0.39 -8.91
CA VAL A 150 -20.01 -0.88 -8.24
C VAL A 150 -20.07 -1.99 -9.29
N VAL A 151 -19.25 -3.02 -9.15
CA VAL A 151 -19.26 -4.14 -10.07
C VAL A 151 -20.36 -5.14 -9.68
N ASP A 152 -21.23 -5.45 -10.64
CA ASP A 152 -22.33 -6.40 -10.44
C ASP A 152 -21.76 -7.75 -9.98
N LYS A 153 -22.35 -8.29 -8.92
CA LYS A 153 -21.94 -9.56 -8.33
C LYS A 153 -22.12 -10.77 -9.23
N ASP A 154 -23.03 -10.66 -10.20
CA ASP A 154 -23.33 -11.75 -11.13
C ASP A 154 -22.57 -11.73 -12.44
N SER A 155 -21.78 -10.68 -12.66
CA SER A 155 -21.02 -10.53 -13.89
C SER A 155 -19.77 -11.42 -13.91
N GLU A 156 -19.10 -11.44 -15.06
CA GLU A 156 -17.88 -12.24 -15.21
C GLU A 156 -16.69 -11.62 -14.49
N GLU A 157 -16.60 -10.29 -14.50
CA GLU A 157 -15.51 -9.60 -13.82
C GLU A 157 -15.50 -10.05 -12.37
N ALA A 158 -16.69 -10.00 -11.77
CA ALA A 158 -16.87 -10.36 -10.38
C ALA A 158 -16.51 -11.80 -10.09
N LYS A 159 -17.04 -12.70 -10.91
CA LYS A 159 -16.77 -14.12 -10.74
C LYS A 159 -15.27 -14.34 -10.79
N ILE A 160 -14.62 -13.79 -11.81
CA ILE A 160 -13.18 -13.92 -11.97
C ILE A 160 -12.42 -13.34 -10.78
N ILE A 161 -12.85 -12.19 -10.29
CA ILE A 161 -12.19 -11.55 -9.16
C ILE A 161 -12.41 -12.36 -7.87
N LYS A 162 -13.63 -12.85 -7.68
CA LYS A 162 -13.94 -13.63 -6.49
C LYS A 162 -13.19 -14.96 -6.47
N GLN A 163 -12.97 -15.53 -7.65
CA GLN A 163 -12.24 -16.79 -7.77
C GLN A 163 -10.80 -16.53 -7.36
N TYR A 164 -10.27 -15.39 -7.79
CA TYR A 164 -8.89 -14.94 -7.52
C TYR A 164 -8.64 -14.76 -6.02
N VAL A 165 -9.63 -14.24 -5.31
CA VAL A 165 -9.52 -14.03 -3.86
C VAL A 165 -9.50 -15.37 -3.14
N LYS A 166 -10.49 -16.20 -3.45
CA LYS A 166 -10.66 -17.53 -2.87
C LYS A 166 -9.48 -18.49 -3.04
N ASN A 167 -8.95 -18.57 -4.25
CA ASN A 167 -7.84 -19.47 -4.57
C ASN A 167 -6.43 -19.03 -4.11
N THR A 168 -6.16 -17.73 -4.10
CA THR A 168 -4.84 -17.24 -3.69
C THR A 168 -4.73 -16.98 -2.19
N HIS A 169 -5.73 -17.47 -1.48
CA HIS A 169 -5.78 -17.38 -0.03
C HIS A 169 -5.13 -18.69 0.43
N ALA A 170 -3.81 -18.64 0.66
CA ALA A 170 -2.98 -19.78 1.06
C ALA A 170 -3.43 -20.64 2.22
N ALA A 171 -2.62 -21.66 2.52
CA ALA A 171 -2.87 -22.61 3.60
C ALA A 171 -2.37 -22.09 4.96
N THR A 172 -1.23 -21.38 4.95
CA THR A 172 -0.66 -20.82 6.17
C THR A 172 -1.37 -19.53 6.63
N HIS A 173 -2.27 -19.03 5.78
CA HIS A 173 -3.04 -17.83 6.08
C HIS A 173 -4.49 -18.17 6.41
N ASN A 174 -4.72 -19.46 6.71
CA ASN A 174 -6.04 -19.95 7.08
C ASN A 174 -6.31 -19.61 8.57
N ALA A 175 -5.68 -18.52 9.01
CA ALA A 175 -5.83 -17.99 10.36
C ALA A 175 -7.07 -17.08 10.29
N TYR A 176 -7.63 -16.99 9.09
CA TYR A 176 -8.81 -16.18 8.80
C TYR A 176 -9.39 -16.55 7.45
N ASP A 177 -10.67 -16.24 7.29
CA ASP A 177 -11.37 -16.46 6.04
C ASP A 177 -11.49 -15.06 5.48
N LEU A 178 -11.84 -14.96 4.21
CA LEU A 178 -11.94 -13.68 3.58
C LEU A 178 -13.26 -13.65 2.86
N LYS A 179 -14.02 -12.58 3.03
CA LYS A 179 -15.29 -12.48 2.33
C LYS A 179 -15.25 -11.18 1.53
N VAL A 180 -15.61 -11.28 0.25
CA VAL A 180 -15.65 -10.10 -0.61
C VAL A 180 -17.03 -9.47 -0.44
N VAL A 181 -17.07 -8.34 0.27
CA VAL A 181 -18.30 -7.60 0.55
C VAL A 181 -18.73 -6.78 -0.66
N GLU A 182 -17.76 -6.14 -1.30
CA GLU A 182 -18.03 -5.30 -2.45
C GLU A 182 -16.77 -5.11 -3.31
N ILE A 183 -16.98 -4.97 -4.63
CA ILE A 183 -15.91 -4.78 -5.61
C ILE A 183 -16.27 -3.54 -6.38
N PHE A 184 -15.33 -2.61 -6.46
CA PHE A 184 -15.56 -1.39 -7.17
C PHE A 184 -14.61 -1.30 -8.33
N ARG A 185 -15.10 -0.69 -9.39
CA ARG A 185 -14.32 -0.44 -10.58
C ARG A 185 -13.87 1.03 -10.40
N ILE A 186 -12.57 1.25 -10.39
CA ILE A 186 -12.09 2.59 -10.20
C ILE A 186 -11.34 3.09 -11.40
N GLU A 187 -11.34 4.39 -11.58
CA GLU A 187 -10.62 5.00 -12.68
C GLU A 187 -10.15 6.37 -12.28
N ARG A 188 -8.87 6.48 -11.90
CA ARG A 188 -8.27 7.75 -11.50
C ARG A 188 -8.07 8.65 -12.69
N GLU A 189 -8.42 9.92 -12.51
CA GLU A 189 -8.29 10.93 -13.54
C GLU A 189 -6.92 10.88 -14.18
N GLY A 190 -6.91 10.81 -15.51
CA GLY A 190 -5.66 10.78 -16.25
C GLY A 190 -4.69 9.63 -16.03
N GLU A 191 -5.06 8.60 -15.27
CA GLU A 191 -4.12 7.51 -15.06
C GLU A 191 -4.00 6.64 -16.32
N SER A 192 -5.11 6.43 -17.01
CA SER A 192 -5.11 5.65 -18.26
C SER A 192 -4.20 6.30 -19.28
N GLN A 193 -4.12 7.61 -19.24
CA GLN A 193 -3.29 8.35 -20.16
C GLN A 193 -1.80 8.17 -19.91
N ARG A 194 -1.37 8.25 -18.65
CA ARG A 194 0.06 8.10 -18.38
C ARG A 194 0.55 6.64 -18.49
N TYR A 195 -0.40 5.71 -18.39
CA TYR A 195 -0.10 4.29 -18.49
C TYR A 195 -0.04 3.79 -19.95
N LYS A 196 -0.68 4.52 -20.87
CA LYS A 196 -0.74 4.13 -22.29
C LYS A 196 0.53 3.57 -22.92
N PRO A 197 1.69 4.22 -22.72
CA PRO A 197 2.93 3.71 -23.30
C PRO A 197 3.25 2.27 -22.89
N PHE A 198 2.79 1.87 -21.70
CA PHE A 198 3.08 0.54 -21.17
C PHE A 198 2.17 -0.57 -21.65
N LYS A 199 1.17 -0.22 -22.46
CA LYS A 199 0.28 -1.23 -23.01
C LYS A 199 1.08 -1.94 -24.11
N GLN A 200 2.22 -1.34 -24.48
CA GLN A 200 3.11 -1.91 -25.48
C GLN A 200 3.91 -3.08 -24.86
N LEU A 201 4.03 -3.11 -23.54
CA LEU A 201 4.76 -4.19 -22.88
C LEU A 201 3.97 -5.48 -22.77
N HIS A 202 4.71 -6.57 -22.66
CA HIS A 202 4.13 -7.88 -22.49
C HIS A 202 4.22 -8.17 -20.99
N ASN A 203 3.59 -9.25 -20.56
CA ASN A 203 3.62 -9.66 -19.17
C ASN A 203 2.99 -8.57 -18.28
N ARG A 204 1.80 -8.18 -18.70
CA ARG A 204 0.99 -7.22 -17.99
C ARG A 204 0.10 -8.11 -17.15
N GLN A 205 0.14 -7.94 -15.82
CA GLN A 205 -0.67 -8.76 -14.92
C GLN A 205 -1.59 -7.97 -13.97
N LEU A 206 -2.65 -8.62 -13.49
CA LEU A 206 -3.62 -8.04 -12.56
C LEU A 206 -3.16 -8.50 -11.19
N LEU A 207 -2.52 -7.59 -10.45
CA LEU A 207 -1.95 -7.89 -9.14
C LEU A 207 -2.58 -7.13 -7.95
N TRP A 208 -2.38 -7.70 -6.77
CA TRP A 208 -2.90 -7.19 -5.52
C TRP A 208 -2.02 -6.18 -4.86
N HIS A 209 -2.65 -5.17 -4.27
CA HIS A 209 -1.92 -4.19 -3.50
C HIS A 209 -2.76 -3.88 -2.27
N GLY A 210 -2.24 -4.25 -1.11
CA GLY A 210 -2.96 -4.01 0.13
C GLY A 210 -2.42 -2.79 0.84
N SER A 211 -3.27 -2.13 1.62
CA SER A 211 -2.87 -0.94 2.38
C SER A 211 -3.88 -0.67 3.49
N ARG A 212 -3.51 0.17 4.46
CA ARG A 212 -4.41 0.51 5.57
C ARG A 212 -5.54 1.32 4.99
N THR A 213 -6.74 1.19 5.54
CA THR A 213 -7.87 1.97 5.01
C THR A 213 -7.60 3.46 5.04
N THR A 214 -6.72 3.87 5.96
CA THR A 214 -6.36 5.30 6.12
C THR A 214 -5.48 5.88 5.02
N ASN A 215 -5.02 5.01 4.11
CA ASN A 215 -4.15 5.42 3.01
C ASN A 215 -4.87 5.66 1.69
N PHE A 216 -6.11 5.21 1.61
CA PHE A 216 -6.89 5.30 0.39
C PHE A 216 -7.30 6.61 -0.22
N ALA A 217 -7.48 7.65 0.59
CA ALA A 217 -7.82 8.95 0.02
C ALA A 217 -6.57 9.40 -0.74
N GLY A 218 -5.41 9.08 -0.16
CA GLY A 218 -4.14 9.44 -0.77
C GLY A 218 -3.86 8.58 -2.00
N ILE A 219 -4.11 7.28 -1.88
CA ILE A 219 -3.89 6.35 -2.98
C ILE A 219 -4.84 6.74 -4.10
N LEU A 220 -6.12 6.91 -3.78
CA LEU A 220 -7.07 7.27 -4.83
C LEU A 220 -6.84 8.65 -5.44
N SER A 221 -6.35 9.62 -4.67
CA SER A 221 -6.15 10.93 -5.22
C SER A 221 -4.80 11.15 -5.89
N GLN A 222 -3.76 10.53 -5.35
CA GLN A 222 -2.42 10.69 -5.91
C GLN A 222 -1.92 9.43 -6.61
N GLY A 223 -2.67 8.35 -6.48
CA GLY A 223 -2.27 7.09 -7.09
C GLY A 223 -1.18 6.47 -6.25
N LEU A 224 -0.78 5.25 -6.56
CA LEU A 224 0.30 4.60 -5.83
C LEU A 224 1.53 5.34 -6.19
N ARG A 225 2.42 5.53 -5.24
CA ARG A 225 3.63 6.26 -5.56
C ARG A 225 4.89 5.70 -4.90
N ILE A 226 6.02 6.25 -5.31
CA ILE A 226 7.33 5.85 -4.81
C ILE A 226 7.76 6.72 -3.63
N ALA A 227 8.48 6.11 -2.68
CA ALA A 227 8.97 6.80 -1.50
C ALA A 227 9.69 8.03 -1.99
N PRO A 228 9.61 9.14 -1.27
CA PRO A 228 10.30 10.33 -1.75
C PRO A 228 11.82 10.12 -1.74
N PRO A 229 12.56 11.03 -2.40
CA PRO A 229 14.03 11.01 -2.51
C PRO A 229 14.77 10.82 -1.18
N GLU A 230 14.26 11.49 -0.15
CA GLU A 230 14.82 11.47 1.20
C GLU A 230 14.80 10.12 1.91
N ALA A 231 13.78 9.31 1.62
CA ALA A 231 13.64 8.00 2.24
C ALA A 231 14.87 7.17 1.93
N PRO A 232 15.37 6.39 2.91
CA PRO A 232 16.55 5.57 2.64
C PRO A 232 16.21 4.39 1.73
N VAL A 233 17.14 4.01 0.85
CA VAL A 233 16.90 2.86 -0.06
C VAL A 233 16.78 1.58 0.74
N THR A 234 17.39 1.60 1.92
CA THR A 234 17.41 0.49 2.84
C THR A 234 16.09 0.25 3.60
N GLY A 235 15.25 1.28 3.67
CA GLY A 235 13.97 1.14 4.37
C GLY A 235 12.98 0.26 3.62
N TYR A 236 13.42 -0.34 2.51
CA TYR A 236 12.59 -1.20 1.66
C TYR A 236 13.35 -2.41 1.09
N MET A 237 12.70 -3.56 1.14
CA MET A 237 13.29 -4.82 0.67
C MET A 237 13.92 -4.76 -0.71
N PHE A 238 13.16 -4.37 -1.72
CA PHE A 238 13.70 -4.31 -3.07
C PHE A 238 13.82 -2.90 -3.60
N GLY A 239 14.27 -2.00 -2.76
CA GLY A 239 14.43 -0.61 -3.16
C GLY A 239 13.11 0.16 -3.22
N LYS A 240 13.20 1.40 -3.67
CA LYS A 240 12.02 2.24 -3.74
C LYS A 240 11.15 2.02 -4.97
N GLY A 241 10.22 1.08 -4.88
CA GLY A 241 9.30 0.82 -5.97
C GLY A 241 7.88 0.67 -5.46
N ILE A 242 6.95 0.26 -6.32
CA ILE A 242 5.57 0.04 -5.89
C ILE A 242 5.48 -1.49 -5.81
N TYR A 243 5.03 -2.02 -4.68
CA TYR A 243 4.97 -3.46 -4.48
C TYR A 243 3.61 -4.09 -4.69
N PHE A 244 3.60 -5.26 -5.32
CA PHE A 244 2.38 -6.02 -5.60
C PHE A 244 2.58 -7.50 -5.28
N ALA A 245 1.47 -8.24 -5.23
CA ALA A 245 1.52 -9.65 -4.94
C ALA A 245 0.55 -10.39 -5.86
N ASP A 246 0.66 -11.72 -5.90
CA ASP A 246 -0.24 -12.56 -6.70
C ASP A 246 -1.14 -13.43 -5.83
N MET A 247 -0.90 -13.39 -4.52
CA MET A 247 -1.69 -14.12 -3.52
C MET A 247 -2.40 -13.03 -2.70
N VAL A 248 -3.71 -13.16 -2.52
CA VAL A 248 -4.43 -12.15 -1.76
C VAL A 248 -3.98 -12.22 -0.30
N SER A 249 -3.59 -13.40 0.12
CA SER A 249 -3.11 -13.63 1.48
C SER A 249 -1.97 -12.70 1.86
N LYS A 250 -0.94 -12.66 1.01
CA LYS A 250 0.22 -11.81 1.25
C LYS A 250 -0.16 -10.32 1.33
N SER A 251 -1.03 -9.88 0.45
CA SER A 251 -1.47 -8.49 0.43
C SER A 251 -2.39 -8.23 1.63
N ALA A 252 -3.34 -9.13 1.85
CA ALA A 252 -4.31 -9.05 2.94
C ALA A 252 -3.68 -8.78 4.30
N ASN A 253 -2.38 -9.06 4.42
CA ASN A 253 -1.64 -8.84 5.68
C ASN A 253 -1.30 -7.37 5.90
N TYR A 254 -1.00 -6.65 4.80
CA TYR A 254 -0.66 -5.23 4.85
C TYR A 254 -1.91 -4.35 5.06
N CYS A 255 -3.06 -5.01 5.17
CA CYS A 255 -4.33 -4.33 5.40
C CYS A 255 -4.45 -3.85 6.88
N HIS A 256 -3.82 -4.58 7.80
CA HIS A 256 -3.83 -4.27 9.25
C HIS A 256 -5.21 -4.27 9.91
N THR A 257 -5.93 -5.37 9.71
CA THR A 257 -7.26 -5.56 10.27
C THR A 257 -7.12 -6.54 11.44
N SER A 258 -8.22 -6.76 12.16
CA SER A 258 -8.22 -7.69 13.30
C SER A 258 -9.64 -8.08 13.60
N GLN A 259 -9.85 -8.72 14.75
CA GLN A 259 -11.17 -9.15 15.18
C GLN A 259 -12.03 -7.93 15.54
N ALA A 260 -11.40 -6.88 16.03
CA ALA A 260 -12.09 -5.67 16.42
C ALA A 260 -12.38 -4.74 15.25
N ASP A 261 -11.68 -4.96 14.14
CA ASP A 261 -11.84 -4.13 12.93
C ASP A 261 -11.59 -5.11 11.78
N PRO A 262 -12.65 -5.84 11.38
CA PRO A 262 -12.57 -6.82 10.29
C PRO A 262 -12.61 -6.36 8.83
N ILE A 263 -13.10 -5.16 8.56
CA ILE A 263 -13.19 -4.71 7.18
C ILE A 263 -11.91 -4.06 6.68
N GLY A 264 -11.45 -4.54 5.52
CA GLY A 264 -10.26 -4.00 4.89
C GLY A 264 -10.53 -3.60 3.44
N LEU A 265 -9.59 -2.86 2.86
CA LEU A 265 -9.67 -2.44 1.46
C LEU A 265 -8.42 -2.97 0.72
N ILE A 266 -8.62 -3.40 -0.52
CA ILE A 266 -7.49 -3.91 -1.28
C ILE A 266 -7.65 -3.55 -2.75
N LEU A 267 -6.52 -3.25 -3.37
CA LEU A 267 -6.49 -2.86 -4.76
C LEU A 267 -6.00 -3.96 -5.70
N LEU A 268 -6.61 -4.01 -6.87
CA LEU A 268 -6.23 -4.91 -7.95
C LEU A 268 -5.74 -3.96 -9.03
N GLY A 269 -4.46 -4.03 -9.35
CA GLY A 269 -3.94 -3.13 -10.36
C GLY A 269 -3.34 -3.85 -11.54
N GLU A 270 -3.38 -3.20 -12.69
CA GLU A 270 -2.77 -3.75 -13.87
C GLU A 270 -1.34 -3.25 -13.85
N VAL A 271 -0.38 -4.16 -13.79
CA VAL A 271 1.01 -3.73 -13.78
C VAL A 271 1.85 -4.29 -14.94
N ALA A 272 2.48 -3.37 -15.67
CA ALA A 272 3.31 -3.68 -16.83
C ALA A 272 4.64 -4.22 -16.37
N LEU A 273 4.69 -5.55 -16.25
CA LEU A 273 5.87 -6.22 -15.78
C LEU A 273 6.97 -6.34 -16.83
N GLY A 274 6.60 -6.68 -18.08
CA GLY A 274 7.61 -6.82 -19.14
C GLY A 274 8.61 -7.90 -18.76
N ASN A 275 9.89 -7.62 -18.94
CA ASN A 275 10.91 -8.61 -18.55
C ASN A 275 11.25 -8.41 -17.08
N MET A 276 11.09 -9.47 -16.30
CA MET A 276 11.34 -9.45 -14.87
C MET A 276 12.71 -9.94 -14.44
N TYR A 277 13.32 -9.13 -13.59
CA TYR A 277 14.63 -9.40 -13.00
C TYR A 277 14.33 -10.26 -11.77
N GLU A 278 14.47 -11.58 -11.91
CA GLU A 278 14.17 -12.52 -10.82
C GLU A 278 15.23 -12.65 -9.71
N LEU A 279 14.80 -12.40 -8.46
CA LEU A 279 15.67 -12.46 -7.28
C LEU A 279 15.16 -13.40 -6.22
N LYS A 280 16.08 -14.04 -5.51
CA LYS A 280 15.72 -15.01 -4.48
C LYS A 280 15.86 -14.43 -3.07
N ASN A 281 16.52 -13.29 -2.97
CA ASN A 281 16.69 -12.60 -1.69
C ASN A 281 16.77 -11.09 -1.92
N ALA A 282 16.38 -10.34 -0.89
CA ALA A 282 16.37 -8.88 -0.91
C ALA A 282 17.58 -8.21 -1.57
N SER A 283 17.35 -7.06 -2.19
CA SER A 283 18.39 -6.28 -2.86
C SER A 283 17.94 -4.84 -2.97
N HIS A 284 18.76 -3.91 -2.48
CA HIS A 284 18.41 -2.49 -2.53
C HIS A 284 18.65 -1.86 -3.90
N ILE A 285 17.91 -2.41 -4.86
CA ILE A 285 17.93 -2.01 -6.24
C ILE A 285 17.73 -0.50 -6.41
N THR A 286 18.71 0.12 -7.04
CA THR A 286 18.69 1.54 -7.33
C THR A 286 18.35 1.63 -8.80
N LYS A 287 19.02 0.81 -9.59
CA LYS A 287 18.82 0.79 -11.01
C LYS A 287 18.47 -0.61 -11.49
N LEU A 288 17.73 -0.65 -12.59
CA LEU A 288 17.31 -1.89 -13.20
C LEU A 288 18.27 -2.18 -14.32
N PRO A 289 18.69 -3.45 -14.46
CA PRO A 289 19.61 -3.85 -15.54
C PRO A 289 18.92 -3.58 -16.87
N LYS A 290 19.70 -3.18 -17.88
CA LYS A 290 19.14 -2.88 -19.20
C LYS A 290 18.33 -4.09 -19.67
N GLY A 291 17.16 -3.82 -20.24
CA GLY A 291 16.32 -4.89 -20.73
C GLY A 291 15.29 -5.38 -19.73
N LYS A 292 15.46 -5.03 -18.46
CA LYS A 292 14.52 -5.45 -17.43
C LYS A 292 13.53 -4.33 -17.15
N HIS A 293 12.28 -4.68 -16.88
CA HIS A 293 11.24 -3.68 -16.60
C HIS A 293 10.68 -3.70 -15.17
N SER A 294 10.95 -4.80 -14.47
CA SER A 294 10.47 -4.94 -13.11
C SER A 294 11.30 -5.96 -12.36
N VAL A 295 10.98 -6.12 -11.08
CA VAL A 295 11.65 -7.09 -10.22
C VAL A 295 10.64 -8.12 -9.71
N LYS A 296 11.05 -9.37 -9.67
CA LYS A 296 10.17 -10.38 -9.13
C LYS A 296 10.91 -11.20 -8.08
N GLY A 297 10.62 -10.92 -6.81
CA GLY A 297 11.22 -11.66 -5.71
C GLY A 297 10.54 -13.01 -5.76
N LEU A 298 11.32 -14.08 -5.88
CA LEU A 298 10.77 -15.44 -5.98
C LEU A 298 10.27 -15.99 -4.65
N GLY A 299 9.19 -16.74 -4.71
CA GLY A 299 8.64 -17.33 -3.49
C GLY A 299 8.43 -18.82 -3.58
N LYS A 300 8.20 -19.45 -2.43
CA LYS A 300 7.99 -20.89 -2.35
C LYS A 300 6.60 -21.31 -2.79
N THR A 301 5.66 -20.36 -2.77
CA THR A 301 4.30 -20.65 -3.16
C THR A 301 3.84 -19.57 -4.15
N ALA A 302 2.94 -19.95 -5.05
CA ALA A 302 2.41 -19.03 -6.05
C ALA A 302 1.20 -19.69 -6.68
N PRO A 303 0.41 -18.92 -7.45
CA PRO A 303 -0.76 -19.56 -8.07
C PRO A 303 -0.32 -20.53 -9.18
N ASP A 304 -1.11 -21.60 -9.35
CA ASP A 304 -0.86 -22.61 -10.37
C ASP A 304 -0.95 -21.91 -11.74
N PRO A 305 0.19 -21.81 -12.45
CA PRO A 305 0.22 -21.15 -13.75
C PRO A 305 -0.61 -21.81 -14.85
N THR A 306 -1.04 -23.05 -14.61
CA THR A 306 -1.85 -23.73 -15.61
C THR A 306 -3.28 -23.17 -15.56
N ALA A 307 -3.65 -22.60 -14.41
CA ALA A 307 -4.98 -22.04 -14.22
C ALA A 307 -5.10 -20.55 -14.55
N THR A 308 -3.98 -19.90 -14.85
CA THR A 308 -3.98 -18.47 -15.20
C THR A 308 -4.99 -18.17 -16.33
N THR A 309 -5.74 -17.08 -16.19
CA THR A 309 -6.72 -16.64 -17.18
C THR A 309 -6.39 -15.21 -17.56
N THR A 310 -7.21 -14.64 -18.43
CA THR A 310 -7.02 -13.29 -18.91
C THR A 310 -8.30 -12.48 -18.64
N LEU A 311 -8.14 -11.17 -18.52
CA LEU A 311 -9.30 -10.31 -18.28
C LEU A 311 -8.90 -9.09 -19.06
N ASP A 312 -9.66 -8.79 -20.11
CA ASP A 312 -9.37 -7.65 -20.95
C ASP A 312 -7.91 -7.66 -21.38
N GLY A 313 -7.44 -8.85 -21.74
CA GLY A 313 -6.07 -9.01 -22.21
C GLY A 313 -5.02 -8.89 -21.16
N VAL A 314 -5.42 -9.11 -19.92
CA VAL A 314 -4.50 -9.02 -18.82
C VAL A 314 -4.50 -10.35 -18.10
N GLU A 315 -3.32 -10.83 -17.75
CA GLU A 315 -3.19 -12.10 -17.07
C GLU A 315 -3.62 -12.04 -15.62
N VAL A 316 -4.45 -13.00 -15.22
CA VAL A 316 -4.96 -13.07 -13.86
C VAL A 316 -4.49 -14.42 -13.28
N PRO A 317 -3.45 -14.39 -12.44
CA PRO A 317 -2.91 -15.61 -11.82
C PRO A 317 -3.82 -16.16 -10.72
N LEU A 318 -5.07 -16.46 -11.08
CA LEU A 318 -6.05 -16.95 -10.11
C LEU A 318 -5.92 -18.42 -9.68
N GLY A 319 -4.82 -19.06 -10.06
CA GLY A 319 -4.64 -20.45 -9.69
C GLY A 319 -4.48 -20.71 -8.21
N ASN A 320 -4.69 -21.96 -7.81
CA ASN A 320 -4.54 -22.35 -6.41
C ASN A 320 -3.09 -22.34 -6.00
N GLY A 321 -2.87 -22.03 -4.73
CA GLY A 321 -1.52 -21.99 -4.20
C GLY A 321 -0.89 -23.35 -4.35
N ILE A 322 0.22 -23.40 -5.09
CA ILE A 322 0.94 -24.64 -5.32
C ILE A 322 2.42 -24.31 -5.24
N SER A 323 3.15 -25.04 -4.42
CA SER A 323 4.58 -24.78 -4.25
C SER A 323 5.33 -24.73 -5.58
N THR A 324 6.19 -23.74 -5.70
CA THR A 324 7.02 -23.52 -6.86
C THR A 324 8.23 -24.45 -6.78
N GLY A 325 8.86 -24.74 -7.91
CA GLY A 325 10.01 -25.63 -7.91
C GLY A 325 11.12 -25.20 -6.97
N ILE A 326 11.46 -23.92 -7.04
CA ILE A 326 12.50 -23.32 -6.22
C ILE A 326 12.24 -23.44 -4.72
N ASN A 327 13.32 -23.62 -3.96
CA ASN A 327 13.24 -23.75 -2.50
C ASN A 327 14.40 -23.04 -1.79
N ASP A 328 15.40 -22.62 -2.56
CA ASP A 328 16.55 -21.92 -1.98
C ASP A 328 16.29 -20.43 -1.90
N THR A 329 15.00 -20.08 -1.93
CA THR A 329 14.58 -18.69 -1.85
C THR A 329 14.14 -18.36 -0.43
N CYS A 330 14.19 -17.08 -0.09
CA CYS A 330 13.81 -16.64 1.25
C CYS A 330 12.34 -16.25 1.38
N LEU A 331 11.72 -15.86 0.26
CA LEU A 331 10.33 -15.43 0.26
C LEU A 331 9.36 -16.59 0.28
N LEU A 332 8.31 -16.46 1.09
CA LEU A 332 7.27 -17.48 1.16
C LEU A 332 6.38 -17.26 -0.04
N TYR A 333 6.27 -15.98 -0.43
CA TYR A 333 5.43 -15.55 -1.55
C TYR A 333 6.15 -14.66 -2.56
N ASN A 334 5.62 -14.62 -3.78
CA ASN A 334 6.19 -13.80 -4.84
C ASN A 334 5.98 -12.35 -4.52
N GLU A 335 6.89 -11.52 -5.04
CA GLU A 335 6.81 -10.09 -4.86
C GLU A 335 7.20 -9.40 -6.14
N TYR A 336 6.29 -8.55 -6.63
CA TYR A 336 6.52 -7.81 -7.86
C TYR A 336 6.73 -6.34 -7.56
N ILE A 337 7.77 -5.79 -8.16
CA ILE A 337 8.10 -4.40 -7.96
C ILE A 337 8.41 -3.67 -9.26
N VAL A 338 7.71 -2.56 -9.47
CA VAL A 338 7.94 -1.69 -10.63
C VAL A 338 8.50 -0.39 -10.04
N TYR A 339 9.43 0.24 -10.76
CA TYR A 339 10.07 1.47 -10.27
C TYR A 339 9.64 2.72 -11.01
N ASP A 340 8.53 2.61 -11.75
CA ASP A 340 8.00 3.74 -12.48
C ASP A 340 6.51 3.83 -12.16
N VAL A 341 6.10 4.98 -11.65
CA VAL A 341 4.72 5.21 -11.28
C VAL A 341 3.73 5.02 -12.46
N ALA A 342 4.23 5.14 -13.69
CA ALA A 342 3.39 5.01 -14.88
C ALA A 342 3.16 3.57 -15.35
N GLN A 343 3.78 2.59 -14.67
CA GLN A 343 3.66 1.18 -15.02
C GLN A 343 2.48 0.45 -14.38
N VAL A 344 1.62 1.20 -13.71
CA VAL A 344 0.45 0.61 -13.06
C VAL A 344 -0.80 1.43 -13.32
N ASN A 345 -1.88 0.71 -13.56
CA ASN A 345 -3.17 1.30 -13.83
C ASN A 345 -4.14 0.58 -12.85
N LEU A 346 -4.60 1.30 -11.83
CA LEU A 346 -5.51 0.71 -10.85
C LEU A 346 -6.84 0.40 -11.54
N LYS A 347 -7.44 -0.77 -11.27
CA LYS A 347 -8.70 -1.17 -11.89
C LYS A 347 -9.85 -1.40 -10.95
N TYR A 348 -9.59 -2.14 -9.87
CA TYR A 348 -10.64 -2.48 -8.92
C TYR A 348 -10.26 -2.18 -7.48
N LEU A 349 -11.27 -1.97 -6.65
CA LEU A 349 -11.05 -1.72 -5.23
C LEU A 349 -12.04 -2.68 -4.55
N LEU A 350 -11.53 -3.57 -3.71
CA LEU A 350 -12.37 -4.52 -3.01
C LEU A 350 -12.52 -4.18 -1.55
N LYS A 351 -13.72 -4.39 -1.05
CA LYS A 351 -13.99 -4.16 0.35
C LYS A 351 -14.00 -5.59 0.85
N LEU A 352 -13.06 -5.90 1.74
CA LEU A 352 -12.97 -7.26 2.28
C LEU A 352 -13.35 -7.33 3.76
N LYS A 353 -13.92 -8.48 4.15
CA LYS A 353 -14.26 -8.74 5.54
C LYS A 353 -13.50 -9.98 6.04
N PHE A 354 -12.62 -9.77 7.02
CA PHE A 354 -11.83 -10.85 7.59
C PHE A 354 -12.61 -11.58 8.69
N ASN A 355 -12.66 -12.90 8.61
CA ASN A 355 -13.33 -13.72 9.64
C ASN A 355 -12.28 -14.59 10.32
N TYR A 356 -11.92 -14.20 11.54
CA TYR A 356 -10.92 -14.95 12.32
C TYR A 356 -11.52 -16.13 13.09
#